data_6BQ0
#
_entry.id   6BQ0
#
_cell.length_a   86.310
_cell.length_b   126.620
_cell.length_c   138.060
_cell.angle_alpha   90.000
_cell.angle_beta   90.000
_cell.angle_gamma   90.000
#
_symmetry.space_group_name_H-M   'I 2 2 2'
#
loop_
_entity.id
_entity.type
_entity.pdbx_description
1 polymer 'Monoglyceride lipase'
2 non-polymer 1-({(1R,5S,6r)-6-[1-(4-fluorophenyl)-1H-pyrazol-3-yl]-3-azabicyclo[3.1.0]hexane-3-carbonyl}oxy)pyrrolidine-2,5-dione
3 water water
#
_entity_poly.entity_id   1
_entity_poly.type   'polypeptide(L)'
_entity_poly.pdbx_seq_one_letter_code
;MASRGSHHHHHHGAGDRGPEFPSSMPEESSPRRTPQSIPYQDLPHLVNADGQYLFCRYWKPTGTPKALIFVSHGAGEHSG
RYEELARMLMGLDLLVFAHDHVGHGQSEGERMVVSDFHVFVRDVLQHVDSMQKDYPGLPVFLLGHSMGGAIAILTAAERP
GHFAGMVLISPLVLANPESATTFKVLAAKVLNLVLPNLSLGPIDSSVLSRNKTEVDIYNSDPLICRAGLKVCFGIQLLNA
VSRVERALPKLTVPFLLLQGSADRLCDSKGAYLLMELAKSQDKTLKIYEGAYHVLHKELPEVTNSVFHEINMWVSQRTAT
AGTASPPLEVDLQGDHGLSAWSHPQFEK
;
_entity_poly.pdbx_strand_id   A,B
#
loop_
_chem_comp.id
_chem_comp.type
_chem_comp.name
_chem_comp.formula
E3A non-polymer 1-({(1R,5S,6r)-6-[1-(4-fluorophenyl)-1H-pyrazol-3-yl]-3-azabicyclo[3.1.0]hexane-3-carbonyl}oxy)pyrrolidine-2,5-dione 'C19 H17 F N4 O4'
#
# COMPACT_ATOMS: atom_id res chain seq x y z
N ASP A 42 2.68 -35.38 26.15
CA ASP A 42 1.22 -35.29 26.15
C ASP A 42 0.70 -34.43 24.99
N LEU A 43 1.13 -33.17 24.89
CA LEU A 43 0.65 -32.24 23.85
C LEU A 43 1.54 -32.24 22.61
N PRO A 44 1.01 -31.90 21.38
CA PRO A 44 1.91 -31.76 20.21
C PRO A 44 3.05 -30.79 20.54
N HIS A 45 4.26 -31.18 20.21
CA HIS A 45 5.43 -30.42 20.59
C HIS A 45 6.58 -30.70 19.68
N LEU A 46 7.68 -30.02 19.95
CA LEU A 46 8.94 -30.08 19.24
C LEU A 46 9.99 -29.86 20.33
N VAL A 47 11.22 -30.36 20.13
CA VAL A 47 12.31 -30.15 21.08
C VAL A 47 13.33 -29.28 20.38
N ASN A 48 13.61 -28.07 20.91
CA ASN A 48 14.50 -27.16 20.18
C ASN A 48 15.98 -27.49 20.40
N ALA A 49 16.89 -26.77 19.74
CA ALA A 49 18.34 -27.02 19.87
C ALA A 49 18.88 -26.92 21.31
N ASP A 50 18.16 -26.22 22.20
CA ASP A 50 18.56 -26.11 23.60
C ASP A 50 17.92 -27.20 24.48
N GLY A 51 17.24 -28.16 23.86
CA GLY A 51 16.58 -29.22 24.61
C GLY A 51 15.29 -28.78 25.30
N GLN A 52 14.71 -27.63 24.87
CA GLN A 52 13.46 -27.13 25.47
C GLN A 52 12.26 -27.58 24.66
N TYR A 53 11.17 -27.94 25.35
CA TYR A 53 9.92 -28.34 24.70
C TYR A 53 9.14 -27.10 24.26
N LEU A 54 8.82 -27.04 22.98
CA LEU A 54 7.99 -25.98 22.42
C LEU A 54 6.60 -26.55 22.09
N PHE A 55 5.51 -25.95 22.59
CA PHE A 55 4.16 -26.41 22.30
C PHE A 55 3.81 -26.09 20.85
N CYS A 56 3.33 -27.10 20.08
CA CYS A 56 2.98 -26.94 18.66
C CYS A 56 1.48 -26.96 18.41
N ARG A 57 1.06 -26.25 17.35
CA ARG A 57 -0.34 -26.18 16.95
C ARG A 57 -0.43 -26.39 15.44
N TYR A 58 -1.41 -27.19 14.99
CA TYR A 58 -1.62 -27.52 13.57
C TYR A 58 -3.07 -27.38 13.18
N TRP A 59 -3.32 -26.81 12.00
CA TRP A 59 -4.68 -26.68 11.47
C TRP A 59 -4.56 -27.25 10.05
N LYS A 60 -4.82 -28.56 9.94
CA LYS A 60 -4.62 -29.29 8.68
C LYS A 60 -5.91 -29.33 7.88
N PRO A 61 -5.90 -28.94 6.60
CA PRO A 61 -7.12 -29.02 5.80
C PRO A 61 -7.47 -30.48 5.46
N THR A 62 -8.75 -30.75 5.15
CA THR A 62 -9.22 -32.12 4.82
C THR A 62 -8.40 -32.75 3.67
N GLY A 63 -8.39 -32.05 2.53
CA GLY A 63 -7.68 -32.50 1.34
C GLY A 63 -6.18 -32.24 1.36
N THR A 64 -5.58 -32.28 0.16
CA THR A 64 -4.16 -32.05 -0.03
C THR A 64 -3.87 -30.55 0.16
N PRO A 65 -2.90 -30.16 1.02
CA PRO A 65 -2.60 -28.73 1.17
C PRO A 65 -1.99 -28.14 -0.09
N LYS A 66 -2.36 -26.89 -0.40
CA LYS A 66 -1.82 -26.13 -1.53
C LYS A 66 -0.52 -25.41 -1.12
N ALA A 67 -0.37 -25.12 0.20
CA ALA A 67 0.80 -24.41 0.72
C ALA A 67 0.87 -24.56 2.22
N LEU A 68 2.03 -24.23 2.78
CA LEU A 68 2.23 -24.26 4.23
C LEU A 68 2.30 -22.81 4.73
N ILE A 69 1.84 -22.52 5.94
CA ILE A 69 1.97 -21.17 6.49
C ILE A 69 2.32 -21.26 7.98
N PHE A 70 3.47 -20.70 8.36
CA PHE A 70 3.89 -20.68 9.78
C PHE A 70 3.35 -19.37 10.42
N VAL A 71 2.70 -19.49 11.57
CA VAL A 71 2.17 -18.33 12.31
C VAL A 71 3.12 -18.01 13.48
N SER A 72 3.75 -16.80 13.48
CA SER A 72 4.68 -16.35 14.52
C SER A 72 4.00 -15.29 15.41
N HIS A 73 3.68 -15.65 16.65
CA HIS A 73 2.98 -14.74 17.57
C HIS A 73 3.91 -13.63 18.13
N GLY A 74 3.32 -12.65 18.78
CA GLY A 74 4.03 -11.52 19.37
C GLY A 74 4.47 -11.74 20.80
N ALA A 75 5.15 -10.72 21.34
CA ALA A 75 5.68 -10.81 22.72
C ALA A 75 4.56 -10.94 23.69
N GLY A 76 4.75 -11.79 24.71
CA GLY A 76 3.74 -11.96 25.73
C GLY A 76 2.54 -12.81 25.37
N GLU A 77 2.24 -13.03 24.09
CA GLU A 77 1.06 -13.81 23.75
C GLU A 77 1.42 -15.26 23.38
N HIS A 78 0.58 -15.96 22.58
CA HIS A 78 0.81 -17.37 22.25
C HIS A 78 0.03 -17.74 21.00
N SER A 79 0.29 -18.95 20.40
CA SER A 79 -0.34 -19.41 19.16
C SER A 79 -1.87 -19.60 19.25
N GLY A 80 -2.42 -19.84 20.44
CA GLY A 80 -3.87 -20.04 20.63
C GLY A 80 -4.69 -18.81 20.23
N ARG A 81 -4.04 -17.65 20.19
CA ARG A 81 -4.73 -16.42 19.81
C ARG A 81 -4.95 -16.26 18.29
N TYR A 82 -4.43 -17.21 17.50
CA TYR A 82 -4.55 -17.20 16.04
C TYR A 82 -5.56 -18.24 15.54
N GLU A 83 -6.40 -18.76 16.43
CA GLU A 83 -7.42 -19.75 16.12
C GLU A 83 -8.29 -19.34 14.93
N GLU A 84 -8.88 -18.13 14.97
CA GLU A 84 -9.80 -17.67 13.89
C GLU A 84 -9.08 -17.43 12.58
N LEU A 85 -7.91 -16.77 12.63
CA LEU A 85 -7.11 -16.52 11.44
C LEU A 85 -6.73 -17.85 10.80
N ALA A 86 -6.22 -18.80 11.61
CA ALA A 86 -5.79 -20.12 11.14
C ALA A 86 -6.94 -20.90 10.49
N ARG A 87 -8.15 -20.82 11.07
CA ARG A 87 -9.32 -21.50 10.49
C ARG A 87 -9.66 -20.94 9.12
N MET A 88 -9.55 -19.60 8.96
CA MET A 88 -9.78 -18.94 7.67
C MET A 88 -8.73 -19.47 6.67
N LEU A 89 -7.44 -19.51 7.07
CA LEU A 89 -6.39 -19.95 6.16
C LEU A 89 -6.52 -21.43 5.78
N MET A 90 -6.92 -22.26 6.73
CA MET A 90 -7.14 -23.69 6.53
C MET A 90 -8.27 -23.90 5.49
N GLY A 91 -9.26 -22.99 5.51
CA GLY A 91 -10.36 -22.96 4.55
C GLY A 91 -9.93 -22.65 3.13
N LEU A 92 -8.68 -22.15 2.94
CA LEU A 92 -8.09 -21.87 1.63
C LEU A 92 -7.21 -23.05 1.20
N ASP A 93 -7.30 -24.19 1.93
CA ASP A 93 -6.50 -25.41 1.72
C ASP A 93 -5.01 -25.19 2.04
N LEU A 94 -4.72 -24.35 3.04
CA LEU A 94 -3.34 -24.18 3.50
C LEU A 94 -3.19 -24.96 4.78
N LEU A 95 -2.04 -25.58 4.96
CA LEU A 95 -1.76 -26.26 6.21
C LEU A 95 -1.09 -25.19 7.09
N VAL A 96 -1.79 -24.78 8.16
CA VAL A 96 -1.32 -23.75 9.11
C VAL A 96 -0.62 -24.45 10.28
N PHE A 97 0.56 -23.93 10.67
CA PHE A 97 1.27 -24.52 11.81
C PHE A 97 1.92 -23.42 12.61
N ALA A 98 2.12 -23.67 13.90
CA ALA A 98 2.69 -22.68 14.81
C ALA A 98 3.30 -23.39 15.98
N HIS A 99 4.10 -22.64 16.74
CA HIS A 99 4.58 -23.06 18.04
C HIS A 99 4.59 -21.83 18.93
N ASP A 100 4.50 -22.02 20.22
CA ASP A 100 4.63 -20.92 21.15
C ASP A 100 6.15 -20.70 21.29
N HIS A 101 6.61 -19.46 21.07
CA HIS A 101 8.05 -19.17 21.19
C HIS A 101 8.54 -19.54 22.59
N VAL A 102 9.85 -19.82 22.75
CA VAL A 102 10.37 -20.14 24.08
C VAL A 102 9.99 -19.01 25.07
N GLY A 103 9.64 -19.38 26.29
CA GLY A 103 9.23 -18.47 27.35
C GLY A 103 7.83 -17.91 27.19
N HIS A 104 7.02 -18.53 26.28
CA HIS A 104 5.66 -18.09 25.98
C HIS A 104 4.66 -19.23 25.98
N GLY A 105 3.41 -18.89 26.27
CA GLY A 105 2.29 -19.82 26.21
C GLY A 105 2.56 -21.13 26.91
N GLN A 106 2.39 -22.23 26.17
CA GLN A 106 2.57 -23.58 26.72
C GLN A 106 3.97 -24.14 26.50
N SER A 107 4.89 -23.32 25.97
CA SER A 107 6.28 -23.80 25.76
C SER A 107 7.09 -23.63 27.03
N GLU A 108 8.25 -24.30 27.12
CA GLU A 108 9.10 -24.17 28.30
C GLU A 108 9.85 -22.85 28.26
N GLY A 109 10.56 -22.54 29.35
CA GLY A 109 11.39 -21.37 29.47
C GLY A 109 10.84 -20.38 30.47
N GLU A 110 11.73 -19.62 31.12
CA GLU A 110 11.35 -18.56 32.06
C GLU A 110 10.53 -17.58 31.20
N ARG A 111 9.39 -17.08 31.72
CA ARG A 111 8.49 -16.21 30.98
C ARG A 111 9.13 -14.97 30.41
N MET A 112 8.97 -14.78 29.09
CA MET A 112 9.45 -13.58 28.37
C MET A 112 10.91 -13.22 28.67
N VAL A 113 11.75 -14.21 28.52
CA VAL A 113 13.21 -14.12 28.66
C VAL A 113 13.74 -14.98 27.51
N VAL A 114 14.89 -14.59 26.94
CA VAL A 114 15.54 -15.38 25.87
C VAL A 114 17.04 -15.09 25.93
N SER A 115 17.88 -16.12 25.78
CA SER A 115 19.36 -15.94 25.82
C SER A 115 19.84 -14.97 24.75
N ASP A 116 19.29 -15.09 23.52
CA ASP A 116 19.54 -14.22 22.39
C ASP A 116 18.32 -14.27 21.50
N PHE A 117 17.91 -13.13 20.94
CA PHE A 117 16.72 -13.08 20.09
C PHE A 117 16.77 -14.13 18.95
N HIS A 118 17.98 -14.45 18.44
CA HIS A 118 18.13 -15.44 17.36
C HIS A 118 17.54 -16.81 17.67
N VAL A 119 17.43 -17.18 18.97
CA VAL A 119 16.81 -18.44 19.41
C VAL A 119 15.43 -18.59 18.75
N PHE A 120 14.63 -17.51 18.74
CA PHE A 120 13.28 -17.53 18.15
C PHE A 120 13.32 -17.88 16.65
N VAL A 121 14.27 -17.29 15.93
CA VAL A 121 14.46 -17.47 14.48
C VAL A 121 14.90 -18.92 14.21
N ARG A 122 15.91 -19.38 14.95
CA ARG A 122 16.44 -20.74 14.88
C ARG A 122 15.30 -21.74 15.06
N ASP A 123 14.44 -21.53 16.06
CA ASP A 123 13.34 -22.45 16.36
C ASP A 123 12.27 -22.45 15.26
N VAL A 124 11.99 -21.27 14.66
CA VAL A 124 11.04 -21.20 13.55
C VAL A 124 11.60 -22.03 12.39
N LEU A 125 12.90 -21.82 12.06
CA LEU A 125 13.56 -22.55 10.97
C LEU A 125 13.55 -24.05 11.22
N GLN A 126 13.72 -24.48 12.48
CA GLN A 126 13.65 -25.91 12.81
C GLN A 126 12.26 -26.46 12.44
N HIS A 127 11.22 -25.76 12.88
CA HIS A 127 9.83 -26.19 12.64
C HIS A 127 9.49 -26.17 11.15
N VAL A 128 9.89 -25.10 10.44
CA VAL A 128 9.65 -24.98 8.99
C VAL A 128 10.36 -26.16 8.26
N ASP A 129 11.65 -26.40 8.56
CA ASP A 129 12.42 -27.48 7.96
C ASP A 129 11.77 -28.85 8.17
N SER A 130 11.24 -29.14 9.38
CA SER A 130 10.55 -30.42 9.64
C SER A 130 9.30 -30.56 8.80
N MET A 131 8.48 -29.48 8.71
CA MET A 131 7.25 -29.50 7.92
C MET A 131 7.51 -29.68 6.44
N GLN A 132 8.55 -29.02 5.93
CA GLN A 132 8.91 -29.08 4.51
C GLN A 132 9.38 -30.46 4.07
N LYS A 133 10.07 -31.19 4.97
CA LYS A 133 10.50 -32.57 4.75
C LYS A 133 9.28 -33.48 4.53
N ASP A 134 8.17 -33.23 5.26
CA ASP A 134 6.92 -33.97 5.14
C ASP A 134 6.05 -33.53 3.99
N TYR A 135 6.22 -32.29 3.51
CA TYR A 135 5.43 -31.76 2.41
C TYR A 135 6.38 -31.14 1.37
N PRO A 136 7.19 -31.98 0.67
CA PRO A 136 8.15 -31.42 -0.30
C PRO A 136 7.47 -30.72 -1.48
N GLY A 137 8.14 -29.68 -1.97
CA GLY A 137 7.66 -28.88 -3.10
C GLY A 137 6.56 -27.86 -2.80
N LEU A 138 5.94 -27.92 -1.60
CA LEU A 138 4.89 -26.96 -1.25
C LEU A 138 5.48 -25.58 -0.93
N PRO A 139 4.88 -24.49 -1.43
CA PRO A 139 5.39 -23.17 -1.04
C PRO A 139 5.12 -22.94 0.46
N VAL A 140 6.00 -22.17 1.12
CA VAL A 140 5.84 -21.89 2.56
C VAL A 140 5.75 -20.39 2.79
N PHE A 141 4.70 -19.98 3.52
CA PHE A 141 4.46 -18.58 3.87
C PHE A 141 4.77 -18.38 5.37
N LEU A 142 4.98 -17.13 5.76
CA LEU A 142 5.18 -16.75 7.16
C LEU A 142 4.16 -15.68 7.50
N LEU A 143 3.53 -15.76 8.66
CA LEU A 143 2.62 -14.72 9.11
C LEU A 143 3.11 -14.34 10.51
N GLY A 144 3.36 -13.06 10.73
CA GLY A 144 3.88 -12.62 12.01
C GLY A 144 3.26 -11.33 12.51
N HIS A 145 3.05 -11.24 13.83
CA HIS A 145 2.53 -10.02 14.46
C HIS A 145 3.52 -9.50 15.49
N SER A 146 3.78 -8.17 15.47
CA SER A 146 4.66 -7.48 16.42
C SER A 146 6.03 -8.13 16.44
N MET A 147 6.48 -8.69 17.58
CA MET A 147 7.77 -9.38 17.68
C MET A 147 7.79 -10.58 16.70
N GLY A 148 6.64 -11.21 16.48
CA GLY A 148 6.52 -12.35 15.55
C GLY A 148 6.80 -11.94 14.12
N GLY A 149 6.54 -10.66 13.82
CA GLY A 149 6.81 -10.02 12.53
C GLY A 149 8.29 -9.79 12.33
N ALA A 150 8.99 -9.33 13.40
CA ALA A 150 10.47 -9.18 13.37
C ALA A 150 11.09 -10.58 13.17
N ILE A 151 10.57 -11.59 13.85
CA ILE A 151 11.06 -12.99 13.69
C ILE A 151 10.88 -13.45 12.24
N ALA A 152 9.71 -13.19 11.65
CA ALA A 152 9.40 -13.56 10.26
C ALA A 152 10.38 -12.89 9.29
N ILE A 153 10.67 -11.57 9.51
CA ILE A 153 11.59 -10.82 8.66
C ILE A 153 12.96 -11.45 8.73
N LEU A 154 13.48 -11.70 9.96
CA LEU A 154 14.79 -12.30 10.17
C LEU A 154 14.87 -13.74 9.66
N THR A 155 13.76 -14.50 9.74
CA THR A 155 13.68 -15.85 9.21
C THR A 155 13.83 -15.80 7.67
N ALA A 156 13.06 -14.95 6.98
CA ALA A 156 13.16 -14.81 5.51
C ALA A 156 14.52 -14.26 5.07
N ALA A 157 15.11 -13.32 5.84
CA ALA A 157 16.40 -12.74 5.50
C ALA A 157 17.55 -13.77 5.62
N GLU A 158 17.42 -14.76 6.51
CA GLU A 158 18.40 -15.82 6.69
C GLU A 158 18.36 -16.83 5.53
N ARG A 159 17.21 -16.99 4.86
CA ARG A 159 17.03 -17.92 3.74
C ARG A 159 16.46 -17.19 2.52
N PRO A 160 17.28 -16.35 1.81
CA PRO A 160 16.74 -15.63 0.64
C PRO A 160 16.19 -16.53 -0.45
N GLY A 161 15.04 -16.16 -1.02
CA GLY A 161 14.35 -16.87 -2.09
C GLY A 161 13.66 -18.15 -1.66
N HIS A 162 13.68 -18.47 -0.36
CA HIS A 162 13.08 -19.70 0.16
C HIS A 162 11.58 -19.58 0.46
N PHE A 163 11.13 -18.41 0.97
CA PHE A 163 9.72 -18.25 1.35
C PHE A 163 8.91 -17.64 0.24
N ALA A 164 7.69 -18.15 0.01
CA ALA A 164 6.82 -17.65 -1.02
C ALA A 164 6.24 -16.27 -0.67
N GLY A 165 6.16 -15.94 0.62
CA GLY A 165 5.57 -14.67 1.02
C GLY A 165 5.48 -14.51 2.53
N MET A 166 5.23 -13.27 2.96
CA MET A 166 5.16 -12.96 4.37
C MET A 166 4.00 -12.03 4.62
N VAL A 167 3.18 -12.30 5.65
CA VAL A 167 2.10 -11.39 6.02
C VAL A 167 2.56 -10.81 7.36
N LEU A 168 2.65 -9.49 7.45
CA LEU A 168 3.09 -8.81 8.66
C LEU A 168 1.98 -7.97 9.21
N ILE A 169 1.62 -8.21 10.48
CA ILE A 169 0.59 -7.43 11.17
C ILE A 169 1.32 -6.60 12.22
N SER A 170 1.36 -5.25 12.03
CA SER A 170 2.08 -4.32 12.93
C SER A 170 3.42 -4.93 13.41
N PRO A 171 4.36 -5.20 12.48
CA PRO A 171 5.61 -5.85 12.88
C PRO A 171 6.48 -4.90 13.70
N LEU A 172 7.30 -5.48 14.60
CA LEU A 172 8.23 -4.71 15.43
C LEU A 172 9.43 -4.43 14.56
N VAL A 173 9.61 -3.20 14.12
CA VAL A 173 10.73 -2.89 13.21
C VAL A 173 11.53 -1.64 13.64
N LEU A 174 10.97 -0.87 14.57
CA LEU A 174 11.53 0.40 15.01
C LEU A 174 11.49 0.56 16.52
N ALA A 175 12.59 1.03 17.09
CA ALA A 175 12.66 1.32 18.52
C ALA A 175 12.27 2.80 18.72
N ASN A 176 11.69 3.14 19.88
CA ASN A 176 11.39 4.54 20.18
C ASN A 176 12.77 5.21 20.33
N PRO A 177 13.11 6.27 19.56
CA PRO A 177 14.47 6.87 19.67
C PRO A 177 14.91 7.28 21.09
N GLU A 178 13.96 7.49 22.01
CA GLU A 178 14.25 7.85 23.40
C GLU A 178 14.85 6.68 24.18
N SER A 179 14.55 5.42 23.75
CA SER A 179 15.04 4.20 24.41
C SER A 179 16.25 3.55 23.74
N ALA A 180 16.65 4.02 22.53
CA ALA A 180 17.76 3.44 21.78
C ALA A 180 19.08 4.25 21.78
N THR A 181 19.14 5.37 22.54
CA THR A 181 20.38 6.19 22.64
C THR A 181 21.53 5.35 23.26
N THR A 182 22.80 5.71 22.99
CA THR A 182 23.98 5.00 23.56
C THR A 182 23.93 5.09 25.09
N PHE A 183 23.40 6.20 25.62
CA PHE A 183 23.24 6.38 27.07
C PHE A 183 22.20 5.37 27.63
N LYS A 184 21.03 5.27 26.97
CA LYS A 184 19.96 4.38 27.44
C LYS A 184 20.32 2.91 27.30
N VAL A 185 21.07 2.55 26.26
CA VAL A 185 21.54 1.19 26.07
C VAL A 185 22.59 0.85 27.14
N LEU A 186 23.55 1.79 27.44
CA LEU A 186 24.52 1.53 28.51
C LEU A 186 23.79 1.43 29.86
N ALA A 187 22.82 2.30 30.10
CA ALA A 187 22.06 2.26 31.38
C ALA A 187 21.34 0.92 31.52
N ALA A 188 20.69 0.44 30.43
CA ALA A 188 19.97 -0.86 30.45
C ALA A 188 20.95 -1.99 30.68
N LYS A 189 22.10 -1.95 30.00
CA LYS A 189 23.15 -2.97 30.15
C LYS A 189 23.74 -3.01 31.52
N VAL A 190 23.86 -1.84 32.16
CA VAL A 190 24.38 -1.76 33.54
C VAL A 190 23.34 -2.40 34.47
N LEU A 191 22.08 -1.97 34.32
CA LEU A 191 20.94 -2.48 35.12
C LEU A 191 20.82 -4.00 34.92
N ASN A 192 21.03 -4.48 33.70
CA ASN A 192 20.95 -5.92 33.38
C ASN A 192 21.90 -6.80 34.20
N LEU A 193 23.09 -6.26 34.56
CA LEU A 193 24.14 -6.93 35.33
C LEU A 193 23.71 -7.17 36.75
N VAL A 194 22.91 -6.26 37.32
CA VAL A 194 22.52 -6.40 38.72
C VAL A 194 21.07 -6.90 38.86
N LEU A 195 20.15 -6.38 38.05
CA LEU A 195 18.72 -6.77 38.10
C LEU A 195 18.21 -7.11 36.69
N PRO A 196 18.62 -8.26 36.12
CA PRO A 196 18.15 -8.58 34.75
C PRO A 196 16.65 -8.77 34.65
N ASN A 197 16.01 -9.20 35.75
CA ASN A 197 14.57 -9.45 35.81
C ASN A 197 13.77 -8.25 36.29
N LEU A 198 14.41 -7.06 36.41
CA LEU A 198 13.68 -5.85 36.78
C LEU A 198 12.68 -5.50 35.69
N SER A 199 11.40 -5.28 36.09
CA SER A 199 10.31 -4.94 35.18
C SER A 199 10.28 -3.46 34.88
N LEU A 200 10.11 -3.14 33.59
CA LEU A 200 9.98 -1.78 33.06
C LEU A 200 8.55 -1.21 33.27
N GLY A 201 7.68 -2.00 33.91
CA GLY A 201 6.31 -1.60 34.17
C GLY A 201 5.38 -2.12 33.09
N PRO A 202 4.14 -2.54 33.44
CA PRO A 202 3.23 -3.12 32.43
C PRO A 202 2.55 -2.05 31.60
N ILE A 203 2.22 -2.37 30.35
CA ILE A 203 1.53 -1.39 29.50
C ILE A 203 0.06 -1.29 29.86
N ASP A 204 -0.56 -0.21 29.43
CA ASP A 204 -1.99 0.00 29.58
C ASP A 204 -2.57 -0.87 28.47
N SER A 205 -3.20 -2.01 28.81
CA SER A 205 -3.75 -2.93 27.78
C SER A 205 -4.76 -2.24 26.83
N SER A 206 -5.27 -1.04 27.22
CA SER A 206 -6.21 -0.31 26.35
C SER A 206 -5.54 0.22 25.07
N VAL A 207 -4.22 0.21 24.96
CA VAL A 207 -3.55 0.65 23.72
C VAL A 207 -3.54 -0.51 22.69
N LEU A 208 -3.92 -1.71 23.10
CA LEU A 208 -3.84 -2.87 22.19
C LEU A 208 -4.90 -2.86 21.12
N SER A 209 -6.13 -2.48 21.48
CA SER A 209 -7.24 -2.54 20.55
C SER A 209 -8.34 -1.60 20.99
N ARG A 210 -9.10 -1.04 20.03
CA ARG A 210 -10.26 -0.19 20.38
C ARG A 210 -11.42 -1.10 20.75
N ASN A 211 -11.32 -2.41 20.46
CA ASN A 211 -12.36 -3.38 20.75
C ASN A 211 -12.22 -3.78 22.24
N LYS A 212 -13.09 -3.21 23.11
CA LYS A 212 -13.04 -3.42 24.58
C LYS A 212 -13.15 -4.87 24.97
N THR A 213 -13.96 -5.64 24.24
CA THR A 213 -14.13 -7.07 24.50
C THR A 213 -12.81 -7.79 24.27
N GLU A 214 -12.08 -7.44 23.19
CA GLU A 214 -10.77 -8.07 22.91
C GLU A 214 -9.74 -7.69 23.95
N VAL A 215 -9.79 -6.46 24.48
CA VAL A 215 -8.90 -6.07 25.57
C VAL A 215 -9.21 -6.95 26.81
N ASP A 216 -10.51 -7.13 27.12
CA ASP A 216 -10.92 -7.96 28.27
C ASP A 216 -10.51 -9.42 28.08
N ILE A 217 -10.59 -9.94 26.86
CA ILE A 217 -10.15 -11.33 26.54
C ILE A 217 -8.65 -11.43 26.78
N TYR A 218 -7.89 -10.43 26.30
CA TYR A 218 -6.43 -10.37 26.48
C TYR A 218 -6.09 -10.41 27.96
N ASN A 219 -6.77 -9.57 28.76
CA ASN A 219 -6.53 -9.45 30.20
C ASN A 219 -6.93 -10.66 31.03
N SER A 220 -7.70 -11.60 30.50
CA SER A 220 -8.09 -12.75 31.30
C SER A 220 -7.58 -14.08 30.75
N ASP A 221 -6.73 -14.06 29.71
CA ASP A 221 -6.13 -15.27 29.14
C ASP A 221 -4.96 -15.65 30.03
N PRO A 222 -5.00 -16.85 30.69
CA PRO A 222 -3.91 -17.22 31.59
C PRO A 222 -2.59 -17.55 30.89
N LEU A 223 -2.62 -17.77 29.58
CA LEU A 223 -1.42 -18.08 28.78
C LEU A 223 -0.69 -16.83 28.28
N ILE A 224 -1.29 -15.66 28.46
CA ILE A 224 -0.65 -14.39 28.07
C ILE A 224 0.18 -13.91 29.25
N CYS A 225 1.38 -13.40 29.01
CA CYS A 225 2.15 -12.81 30.09
C CYS A 225 1.94 -11.30 29.97
N ARG A 226 1.29 -10.71 30.95
CA ARG A 226 0.97 -9.27 31.00
C ARG A 226 1.93 -8.50 31.91
N ALA A 227 2.86 -9.21 32.57
CA ALA A 227 3.89 -8.61 33.44
C ALA A 227 4.70 -7.63 32.57
N GLY A 228 5.27 -6.61 33.19
CA GLY A 228 6.07 -5.67 32.41
C GLY A 228 7.27 -6.34 31.77
N LEU A 229 7.77 -5.71 30.73
CA LEU A 229 8.97 -6.12 30.01
C LEU A 229 10.17 -6.13 30.97
N LYS A 230 10.89 -7.24 31.02
CA LYS A 230 12.06 -7.32 31.87
C LYS A 230 13.20 -6.65 31.12
N VAL A 231 14.08 -5.99 31.86
CA VAL A 231 15.26 -5.31 31.30
C VAL A 231 16.00 -6.23 30.28
N CYS A 232 16.33 -7.47 30.68
CA CYS A 232 17.08 -8.41 29.79
C CYS A 232 16.35 -8.66 28.44
N PHE A 233 15.01 -8.73 28.46
CA PHE A 233 14.21 -8.98 27.25
C PHE A 233 14.07 -7.72 26.41
N GLY A 234 14.00 -6.55 27.10
CA GLY A 234 14.00 -5.23 26.47
C GLY A 234 15.22 -5.06 25.58
N ILE A 235 16.39 -5.49 26.07
CA ILE A 235 17.67 -5.48 25.33
C ILE A 235 17.57 -6.43 24.10
N GLN A 236 16.96 -7.62 24.29
CA GLN A 236 16.78 -8.55 23.15
C GLN A 236 15.86 -7.98 22.07
N LEU A 237 14.84 -7.17 22.45
CA LEU A 237 13.95 -6.53 21.45
C LEU A 237 14.69 -5.41 20.71
N LEU A 238 15.62 -4.73 21.40
CA LEU A 238 16.48 -3.72 20.76
C LEU A 238 17.42 -4.45 19.79
N ASN A 239 17.92 -5.64 20.16
CA ASN A 239 18.75 -6.44 19.23
C ASN A 239 17.92 -6.82 18.00
N ALA A 240 16.63 -7.19 18.23
CA ALA A 240 15.75 -7.57 17.11
C ALA A 240 15.58 -6.40 16.13
N VAL A 241 15.29 -5.20 16.63
CA VAL A 241 15.09 -4.02 15.78
C VAL A 241 16.36 -3.65 14.97
N SER A 242 17.53 -3.76 15.60
CA SER A 242 18.82 -3.46 14.98
C SER A 242 19.11 -4.47 13.88
N ARG A 243 18.78 -5.76 14.14
CA ARG A 243 18.99 -6.83 13.15
C ARG A 243 18.00 -6.69 11.97
N VAL A 244 16.76 -6.24 12.26
CA VAL A 244 15.76 -6.03 11.21
C VAL A 244 16.26 -4.94 10.24
N GLU A 245 16.72 -3.80 10.80
CA GLU A 245 17.24 -2.68 10.03
C GLU A 245 18.38 -3.12 9.08
N ARG A 246 19.30 -3.97 9.57
CA ARG A 246 20.41 -4.48 8.75
C ARG A 246 19.93 -5.47 7.70
N ALA A 247 18.83 -6.22 7.97
CA ALA A 247 18.31 -7.22 7.04
C ALA A 247 17.52 -6.65 5.87
N LEU A 248 16.86 -5.49 6.04
CA LEU A 248 16.01 -4.89 4.98
C LEU A 248 16.69 -4.77 3.60
N PRO A 249 17.95 -4.28 3.44
CA PRO A 249 18.55 -4.23 2.08
C PRO A 249 18.66 -5.56 1.35
N LYS A 250 18.56 -6.69 2.06
CA LYS A 250 18.65 -7.99 1.41
C LYS A 250 17.31 -8.75 1.45
N LEU A 251 16.26 -8.12 2.00
CA LEU A 251 14.96 -8.78 2.09
C LEU A 251 14.26 -8.66 0.73
N THR A 252 14.01 -9.79 0.08
CA THR A 252 13.39 -9.83 -1.26
C THR A 252 12.05 -10.57 -1.27
N VAL A 253 11.69 -11.17 -0.15
CA VAL A 253 10.46 -11.98 -0.04
C VAL A 253 9.19 -11.13 -0.34
N PRO A 254 8.19 -11.64 -1.09
CA PRO A 254 6.96 -10.85 -1.29
C PRO A 254 6.28 -10.61 0.06
N PHE A 255 5.67 -9.43 0.29
CA PHE A 255 5.01 -9.26 1.59
C PHE A 255 3.81 -8.37 1.55
N LEU A 256 2.91 -8.61 2.50
CA LEU A 256 1.75 -7.81 2.77
C LEU A 256 1.96 -7.25 4.17
N LEU A 257 1.86 -5.94 4.32
CA LEU A 257 2.09 -5.24 5.59
C LEU A 257 0.80 -4.51 6.01
N LEU A 258 0.26 -4.86 7.18
CA LEU A 258 -0.98 -4.31 7.72
C LEU A 258 -0.61 -3.53 8.97
N GLN A 259 -1.04 -2.26 9.03
CA GLN A 259 -0.61 -1.37 10.12
C GLN A 259 -1.69 -0.37 10.51
N GLY A 260 -1.87 -0.16 11.81
CA GLY A 260 -2.84 0.80 12.32
C GLY A 260 -2.16 2.14 12.47
N SER A 261 -2.86 3.23 12.12
CA SER A 261 -2.26 4.56 12.20
C SER A 261 -2.07 5.03 13.64
N ALA A 262 -2.92 4.53 14.58
CA ALA A 262 -2.86 4.93 16.01
C ALA A 262 -2.19 3.89 16.92
N ASP A 263 -1.26 3.09 16.37
CA ASP A 263 -0.54 2.06 17.12
C ASP A 263 0.54 2.72 17.98
N ARG A 264 0.42 2.57 19.30
CA ARG A 264 1.37 3.15 20.25
C ARG A 264 2.53 2.24 20.59
N LEU A 265 2.49 0.99 20.11
CA LEU A 265 3.58 0.03 20.38
C LEU A 265 4.53 -0.08 19.22
N CYS A 266 3.99 -0.16 18.00
CA CYS A 266 4.82 -0.16 16.78
C CYS A 266 4.37 1.03 15.97
N ASP A 267 5.11 2.15 16.06
CA ASP A 267 4.72 3.39 15.38
C ASP A 267 4.58 3.19 13.88
N SER A 268 3.50 3.73 13.28
CA SER A 268 3.23 3.58 11.84
C SER A 268 4.40 4.01 10.98
N LYS A 269 5.28 4.95 11.47
CA LYS A 269 6.44 5.36 10.67
C LYS A 269 7.39 4.18 10.35
N GLY A 270 7.44 3.15 11.21
CA GLY A 270 8.22 1.94 10.93
C GLY A 270 7.67 1.13 9.76
N ALA A 271 6.34 1.14 9.56
CA ALA A 271 5.71 0.45 8.41
C ALA A 271 6.11 1.15 7.09
N TYR A 272 6.09 2.50 7.07
CA TYR A 272 6.52 3.26 5.87
C TYR A 272 8.00 3.01 5.57
N LEU A 273 8.84 2.93 6.60
CA LEU A 273 10.28 2.67 6.42
C LEU A 273 10.55 1.26 5.90
N LEU A 274 9.75 0.27 6.32
CA LEU A 274 9.84 -1.10 5.83
C LEU A 274 9.49 -1.13 4.32
N MET A 275 8.40 -0.42 3.93
CA MET A 275 8.00 -0.33 2.51
C MET A 275 9.10 0.28 1.68
N GLU A 276 9.76 1.30 2.22
CA GLU A 276 10.80 2.01 1.50
C GLU A 276 12.12 1.25 1.41
N LEU A 277 12.58 0.67 2.51
CA LEU A 277 13.90 0.06 2.55
C LEU A 277 13.94 -1.41 2.12
N ALA A 278 12.85 -2.21 2.23
CA ALA A 278 12.89 -3.61 1.75
C ALA A 278 13.10 -3.63 0.24
N LYS A 279 13.85 -4.61 -0.26
CA LYS A 279 14.12 -4.68 -1.70
C LYS A 279 13.10 -5.53 -2.45
N SER A 280 12.12 -6.12 -1.74
CA SER A 280 11.07 -6.95 -2.33
C SER A 280 10.41 -6.31 -3.55
N GLN A 281 10.21 -7.08 -4.62
CA GLN A 281 9.55 -6.62 -5.85
C GLN A 281 8.02 -6.62 -5.67
N ASP A 282 7.52 -7.38 -4.69
CA ASP A 282 6.10 -7.53 -4.42
C ASP A 282 5.80 -7.11 -2.99
N LYS A 283 5.45 -5.83 -2.82
CA LYS A 283 5.18 -5.30 -1.49
C LYS A 283 3.95 -4.42 -1.48
N THR A 284 3.05 -4.69 -0.50
CA THR A 284 1.77 -3.99 -0.38
C THR A 284 1.62 -3.52 1.06
N LEU A 285 1.14 -2.30 1.24
CA LEU A 285 0.87 -1.77 2.59
C LEU A 285 -0.60 -1.37 2.69
N LYS A 286 -1.23 -1.73 3.80
CA LYS A 286 -2.57 -1.25 4.07
C LYS A 286 -2.54 -0.55 5.43
N ILE A 287 -3.00 0.70 5.47
CA ILE A 287 -3.06 1.48 6.72
C ILE A 287 -4.50 1.50 7.18
N TYR A 288 -4.73 1.19 8.47
CA TYR A 288 -6.06 1.22 9.08
C TYR A 288 -6.13 2.46 9.94
N GLU A 289 -6.91 3.43 9.45
CA GLU A 289 -7.00 4.76 10.06
C GLU A 289 -7.66 4.73 11.45
N GLY A 290 -6.90 5.17 12.46
CA GLY A 290 -7.33 5.23 13.86
C GLY A 290 -7.22 3.90 14.59
N ALA A 291 -6.81 2.82 13.90
CA ALA A 291 -6.69 1.49 14.51
C ALA A 291 -5.48 1.38 15.42
N TYR A 292 -5.60 0.54 16.45
CA TYR A 292 -4.52 0.33 17.40
C TYR A 292 -3.58 -0.82 16.94
N HIS A 293 -2.96 -1.52 17.87
CA HIS A 293 -1.90 -2.48 17.59
C HIS A 293 -2.38 -3.86 17.10
N VAL A 294 -3.36 -4.45 17.78
CA VAL A 294 -3.78 -5.82 17.47
C VAL A 294 -4.89 -5.79 16.42
N LEU A 295 -4.47 -5.60 15.15
CA LEU A 295 -5.40 -5.44 14.02
C LEU A 295 -6.34 -6.61 13.76
N HIS A 296 -5.88 -7.80 14.03
CA HIS A 296 -6.66 -9.02 13.83
C HIS A 296 -7.63 -9.24 15.01
N LYS A 297 -7.67 -8.32 16.01
CA LYS A 297 -8.57 -8.34 17.19
C LYS A 297 -9.04 -6.89 17.48
N GLU A 298 -9.27 -6.13 16.41
CA GLU A 298 -9.65 -4.73 16.49
C GLU A 298 -11.16 -4.60 16.35
N LEU A 299 -11.65 -3.41 16.00
CA LEU A 299 -13.09 -3.24 15.77
C LEU A 299 -13.51 -4.15 14.60
N PRO A 300 -14.74 -4.73 14.63
CA PRO A 300 -15.15 -5.67 13.55
C PRO A 300 -14.90 -5.20 12.13
N GLU A 301 -15.11 -3.90 11.84
CA GLU A 301 -14.87 -3.32 10.51
C GLU A 301 -13.40 -3.51 10.12
N VAL A 302 -12.47 -3.35 11.10
CA VAL A 302 -11.03 -3.50 10.84
C VAL A 302 -10.69 -4.99 10.70
N THR A 303 -11.11 -5.82 11.68
CA THR A 303 -10.83 -7.25 11.72
C THR A 303 -11.35 -7.96 10.45
N ASN A 304 -12.58 -7.65 10.00
CA ASN A 304 -13.15 -8.27 8.78
C ASN A 304 -12.32 -7.95 7.55
N SER A 305 -11.83 -6.69 7.44
CA SER A 305 -10.97 -6.27 6.32
C SER A 305 -9.64 -6.99 6.41
N VAL A 306 -9.05 -7.08 7.62
CA VAL A 306 -7.75 -7.76 7.82
C VAL A 306 -7.83 -9.21 7.31
N PHE A 307 -8.85 -9.94 7.72
CA PHE A 307 -9.04 -11.34 7.35
C PHE A 307 -9.21 -11.46 5.85
N HIS A 308 -10.02 -10.56 5.26
CA HIS A 308 -10.30 -10.56 3.82
C HIS A 308 -9.03 -10.28 3.00
N GLU A 309 -8.27 -9.26 3.41
CA GLU A 309 -7.04 -8.89 2.71
C GLU A 309 -5.99 -10.01 2.76
N ILE A 310 -5.85 -10.69 3.91
CA ILE A 310 -4.90 -11.80 4.02
C ILE A 310 -5.39 -12.94 3.13
N ASN A 311 -6.69 -13.23 3.18
CA ASN A 311 -7.33 -14.26 2.35
C ASN A 311 -7.01 -13.99 0.88
N MET A 312 -7.31 -12.80 0.37
CA MET A 312 -7.04 -12.48 -1.05
C MET A 312 -5.55 -12.55 -1.39
N TRP A 313 -4.68 -12.01 -0.53
CA TRP A 313 -3.23 -11.94 -0.82
C TRP A 313 -2.60 -13.34 -0.87
N VAL A 314 -2.91 -14.19 0.10
CA VAL A 314 -2.35 -15.54 0.14
C VAL A 314 -2.94 -16.40 -1.02
N SER A 315 -4.25 -16.29 -1.24
CA SER A 315 -5.01 -17.00 -2.28
C SER A 315 -4.43 -16.71 -3.69
N GLN A 316 -4.09 -15.45 -3.99
CA GLN A 316 -3.50 -15.03 -5.25
C GLN A 316 -2.10 -15.58 -5.45
N ARG A 317 -1.36 -15.83 -4.36
CA ARG A 317 0.01 -16.32 -4.42
C ARG A 317 0.10 -17.83 -4.20
N THR A 318 -1.04 -18.48 -3.98
CA THR A 318 -1.16 -19.93 -3.76
C THR A 318 -1.62 -20.58 -5.09
N ALA A 319 -2.44 -19.86 -5.86
CA ALA A 319 -2.90 -20.28 -7.19
C ALA A 319 -1.66 -20.38 -8.10
N THR A 320 -0.72 -19.40 -7.96
CA THR A 320 0.56 -19.24 -8.66
C THR A 320 1.44 -20.52 -8.57
N ALA A 321 1.35 -21.26 -7.43
CA ALA A 321 2.09 -22.51 -7.20
C ALA A 321 1.63 -23.62 -8.14
N SER B 30 -17.45 29.04 -39.59
CA SER B 30 -16.75 27.76 -39.79
C SER B 30 -16.89 26.87 -38.55
N PRO B 31 -17.06 25.53 -38.71
CA PRO B 31 -17.17 24.65 -37.52
C PRO B 31 -15.93 24.68 -36.63
N ARG B 32 -16.13 24.55 -35.30
CA ARG B 32 -15.01 24.53 -34.35
C ARG B 32 -14.20 23.26 -34.58
N ARG B 33 -12.88 23.39 -34.57
CA ARG B 33 -11.99 22.27 -34.85
C ARG B 33 -10.98 22.05 -33.75
N THR B 34 -10.48 20.82 -33.66
CA THR B 34 -9.44 20.44 -32.72
C THR B 34 -8.12 21.13 -33.12
N PRO B 35 -7.13 21.28 -32.19
CA PRO B 35 -5.85 21.90 -32.60
C PRO B 35 -5.17 21.18 -33.77
N GLN B 36 -5.61 19.95 -34.08
CA GLN B 36 -5.07 19.14 -35.19
C GLN B 36 -6.01 19.21 -36.44
N SER B 37 -6.94 20.18 -36.43
CA SER B 37 -7.89 20.58 -37.48
C SER B 37 -9.05 19.61 -37.77
N ILE B 38 -9.42 18.73 -36.82
CA ILE B 38 -10.58 17.84 -37.03
C ILE B 38 -11.84 18.55 -36.51
N PRO B 39 -12.92 18.71 -37.30
CA PRO B 39 -14.13 19.35 -36.75
C PRO B 39 -14.63 18.58 -35.51
N TYR B 40 -14.94 19.32 -34.42
CA TYR B 40 -15.52 18.68 -33.23
C TYR B 40 -16.83 17.97 -33.53
N GLN B 41 -17.58 18.40 -34.57
CA GLN B 41 -18.84 17.72 -34.92
C GLN B 41 -18.60 16.26 -35.35
N ASP B 42 -17.35 15.94 -35.75
CA ASP B 42 -16.99 14.57 -36.14
C ASP B 42 -16.49 13.72 -34.98
N LEU B 43 -16.45 14.26 -33.76
CA LEU B 43 -15.85 13.52 -32.66
C LEU B 43 -16.69 13.60 -31.39
N PRO B 44 -16.59 12.64 -30.44
CA PRO B 44 -17.30 12.80 -29.16
C PRO B 44 -16.67 14.00 -28.46
N HIS B 45 -17.50 14.91 -27.95
CA HIS B 45 -16.97 16.09 -27.29
C HIS B 45 -17.91 16.61 -26.22
N LEU B 46 -17.49 17.67 -25.53
CA LEU B 46 -18.33 18.39 -24.59
C LEU B 46 -17.86 19.85 -24.59
N VAL B 47 -18.71 20.77 -24.15
CA VAL B 47 -18.28 22.17 -24.08
C VAL B 47 -18.25 22.53 -22.58
N ASN B 48 -17.09 22.99 -22.09
CA ASN B 48 -16.95 23.28 -20.66
C ASN B 48 -17.55 24.63 -20.27
N ALA B 49 -17.56 24.97 -18.95
CA ALA B 49 -18.14 26.23 -18.48
C ALA B 49 -17.53 27.49 -19.10
N ASP B 50 -16.29 27.38 -19.65
CA ASP B 50 -15.64 28.52 -20.31
C ASP B 50 -15.93 28.55 -21.81
N GLY B 51 -16.83 27.67 -22.29
CA GLY B 51 -17.15 27.61 -23.72
C GLY B 51 -16.03 26.99 -24.56
N GLN B 52 -15.16 26.18 -23.93
CA GLN B 52 -14.07 25.48 -24.65
C GLN B 52 -14.49 24.05 -24.94
N TYR B 53 -14.17 23.54 -26.12
CA TYR B 53 -14.51 22.17 -26.47
C TYR B 53 -13.44 21.24 -25.92
N LEU B 54 -13.90 20.15 -25.31
CA LEU B 54 -13.02 19.09 -24.81
C LEU B 54 -13.37 17.87 -25.60
N PHE B 55 -12.35 17.20 -26.12
CA PHE B 55 -12.47 15.93 -26.82
C PHE B 55 -12.77 14.85 -25.79
N CYS B 56 -13.73 13.97 -26.08
CA CYS B 56 -14.14 12.90 -25.15
C CYS B 56 -13.85 11.51 -25.71
N ARG B 57 -13.68 10.55 -24.81
CA ARG B 57 -13.43 9.15 -25.18
C ARG B 57 -14.30 8.23 -24.32
N TYR B 58 -14.91 7.19 -24.92
CA TYR B 58 -15.80 6.24 -24.24
C TYR B 58 -15.46 4.82 -24.60
N TRP B 59 -15.51 3.92 -23.60
CA TRP B 59 -15.27 2.50 -23.81
C TRP B 59 -16.46 1.84 -23.11
N LYS B 60 -17.53 1.59 -23.89
CA LYS B 60 -18.78 1.07 -23.34
C LYS B 60 -18.83 -0.45 -23.45
N PRO B 61 -19.12 -1.16 -22.34
CA PRO B 61 -19.17 -2.64 -22.41
C PRO B 61 -20.43 -3.10 -23.17
N THR B 62 -20.41 -4.35 -23.66
CA THR B 62 -21.54 -4.95 -24.40
C THR B 62 -22.85 -4.88 -23.62
N GLY B 63 -22.86 -5.47 -22.44
CA GLY B 63 -24.05 -5.50 -21.59
C GLY B 63 -24.24 -4.25 -20.75
N THR B 64 -25.05 -4.38 -19.69
CA THR B 64 -25.36 -3.30 -18.77
C THR B 64 -24.12 -3.02 -17.89
N PRO B 65 -23.67 -1.75 -17.81
CA PRO B 65 -22.49 -1.44 -16.98
C PRO B 65 -22.77 -1.66 -15.50
N LYS B 66 -21.80 -2.18 -14.76
CA LYS B 66 -21.88 -2.39 -13.31
C LYS B 66 -21.45 -1.12 -12.57
N ALA B 67 -20.62 -0.28 -13.23
CA ALA B 67 -20.12 0.97 -12.61
C ALA B 67 -19.55 1.87 -13.69
N LEU B 68 -19.29 3.13 -13.33
CA LEU B 68 -18.67 4.10 -14.24
C LEU B 68 -17.26 4.38 -13.74
N ILE B 69 -16.31 4.67 -14.63
CA ILE B 69 -14.96 5.03 -14.19
C ILE B 69 -14.41 6.15 -15.07
N PHE B 70 -14.10 7.31 -14.47
CA PHE B 70 -13.50 8.43 -15.22
C PHE B 70 -11.97 8.28 -15.19
N VAL B 71 -11.33 8.40 -16.37
CA VAL B 71 -9.85 8.33 -16.47
C VAL B 71 -9.30 9.74 -16.63
N SER B 72 -8.45 10.21 -15.68
CA SER B 72 -7.88 11.57 -15.67
C SER B 72 -6.37 11.46 -16.03
N HIS B 73 -6.00 11.92 -17.22
CA HIS B 73 -4.60 11.82 -17.69
C HIS B 73 -3.69 12.85 -17.01
N GLY B 74 -2.38 12.69 -17.21
CA GLY B 74 -1.37 13.56 -16.63
C GLY B 74 -1.00 14.75 -17.50
N ALA B 75 -0.11 15.59 -16.98
CA ALA B 75 0.31 16.78 -17.70
C ALA B 75 1.03 16.41 -18.99
N GLY B 76 0.74 17.16 -20.07
CA GLY B 76 1.36 16.91 -21.36
C GLY B 76 0.82 15.75 -22.16
N GLU B 77 0.12 14.80 -21.54
CA GLU B 77 -0.35 13.66 -22.33
C GLU B 77 -1.85 13.82 -22.70
N HIS B 78 -2.56 12.71 -22.95
CA HIS B 78 -3.96 12.77 -23.39
C HIS B 78 -4.65 11.43 -23.12
N SER B 79 -5.99 11.37 -23.28
CA SER B 79 -6.80 10.18 -22.99
C SER B 79 -6.50 8.96 -23.85
N GLY B 80 -5.98 9.16 -25.08
CA GLY B 80 -5.66 8.06 -25.99
C GLY B 80 -4.58 7.13 -25.46
N ARG B 81 -3.82 7.59 -24.47
CA ARG B 81 -2.76 6.77 -23.86
C ARG B 81 -3.31 5.75 -22.86
N TYR B 82 -4.64 5.76 -22.60
CA TYR B 82 -5.27 4.84 -21.65
C TYR B 82 -6.06 3.76 -22.33
N GLU B 83 -5.82 3.58 -23.63
CA GLU B 83 -6.51 2.56 -24.43
C GLU B 83 -6.49 1.17 -23.80
N GLU B 84 -5.31 0.66 -23.44
CA GLU B 84 -5.17 -0.70 -22.88
C GLU B 84 -5.80 -0.84 -21.51
N LEU B 85 -5.56 0.13 -20.62
CA LEU B 85 -6.15 0.13 -19.28
C LEU B 85 -7.66 0.16 -19.39
N ALA B 86 -8.21 1.04 -20.25
CA ALA B 86 -9.65 1.17 -20.46
C ALA B 86 -10.28 -0.12 -20.98
N ARG B 87 -9.60 -0.81 -21.90
CA ARG B 87 -10.11 -2.09 -22.44
C ARG B 87 -10.17 -3.14 -21.34
N MET B 88 -9.17 -3.17 -20.44
CA MET B 88 -9.18 -4.09 -19.29
C MET B 88 -10.38 -3.75 -18.40
N LEU B 89 -10.61 -2.45 -18.10
CA LEU B 89 -11.72 -2.06 -17.23
C LEU B 89 -13.09 -2.35 -17.84
N MET B 90 -13.20 -2.13 -19.16
CA MET B 90 -14.43 -2.39 -19.91
C MET B 90 -14.75 -3.91 -19.85
N GLY B 91 -13.70 -4.74 -19.81
CA GLY B 91 -13.83 -6.19 -19.66
C GLY B 91 -14.37 -6.62 -18.31
N LEU B 92 -14.42 -5.70 -17.33
CA LEU B 92 -14.98 -5.93 -15.99
C LEU B 92 -16.42 -5.41 -15.94
N ASP B 93 -16.99 -5.05 -17.13
CA ASP B 93 -18.33 -4.48 -17.30
C ASP B 93 -18.43 -3.07 -16.71
N LEU B 94 -17.34 -2.29 -16.77
CA LEU B 94 -17.39 -0.90 -16.34
C LEU B 94 -17.46 -0.04 -17.58
N LEU B 95 -18.21 1.03 -17.52
CA LEU B 95 -18.26 1.98 -18.61
C LEU B 95 -17.14 2.99 -18.30
N VAL B 96 -16.09 2.99 -19.14
CA VAL B 96 -14.92 3.87 -18.98
C VAL B 96 -15.13 5.13 -19.83
N PHE B 97 -14.82 6.30 -19.27
CA PHE B 97 -14.97 7.54 -20.00
C PHE B 97 -13.87 8.50 -19.62
N ALA B 98 -13.51 9.39 -20.54
CA ALA B 98 -12.42 10.32 -20.32
C ALA B 98 -12.60 11.51 -21.23
N HIS B 99 -11.83 12.56 -20.95
CA HIS B 99 -11.70 13.69 -21.85
C HIS B 99 -10.29 14.16 -21.77
N ASP B 100 -9.83 14.89 -22.80
CA ASP B 100 -8.51 15.47 -22.75
C ASP B 100 -8.69 16.78 -21.96
N HIS B 101 -7.88 16.98 -20.92
CA HIS B 101 -7.98 18.19 -20.10
C HIS B 101 -7.80 19.43 -21.00
N VAL B 102 -8.32 20.61 -20.60
CA VAL B 102 -8.12 21.84 -21.37
C VAL B 102 -6.60 22.03 -21.63
N GLY B 103 -6.26 22.42 -22.85
CA GLY B 103 -4.88 22.66 -23.26
C GLY B 103 -4.07 21.40 -23.47
N HIS B 104 -4.76 20.25 -23.68
CA HIS B 104 -4.14 18.95 -23.92
C HIS B 104 -4.80 18.18 -25.04
N GLY B 105 -4.03 17.29 -25.67
CA GLY B 105 -4.48 16.37 -26.70
C GLY B 105 -5.32 17.05 -27.76
N GLN B 106 -6.56 16.56 -27.93
CA GLN B 106 -7.48 17.09 -28.95
C GLN B 106 -8.46 18.14 -28.41
N SER B 107 -8.28 18.59 -27.16
CA SER B 107 -9.16 19.63 -26.62
C SER B 107 -8.63 20.99 -26.97
N GLU B 108 -9.46 22.03 -26.80
CA GLU B 108 -9.06 23.41 -27.08
C GLU B 108 -8.19 23.94 -25.95
N GLY B 109 -7.67 25.14 -26.17
CA GLY B 109 -6.85 25.87 -25.21
C GLY B 109 -5.40 25.93 -25.61
N GLU B 110 -4.71 26.99 -25.18
CA GLU B 110 -3.27 27.15 -25.40
C GLU B 110 -2.65 25.95 -24.69
N ARG B 111 -1.65 25.30 -25.32
CA ARG B 111 -1.02 24.09 -24.80
C ARG B 111 -0.45 24.24 -23.42
N MET B 112 -0.87 23.28 -22.55
CA MET B 112 -0.38 23.17 -21.18
C MET B 112 -0.34 24.48 -20.42
N VAL B 113 -1.47 25.18 -20.45
CA VAL B 113 -1.74 26.44 -19.78
C VAL B 113 -3.18 26.28 -19.21
N VAL B 114 -3.47 26.86 -18.04
CA VAL B 114 -4.80 26.84 -17.44
C VAL B 114 -4.94 28.10 -16.58
N SER B 115 -6.10 28.77 -16.63
CA SER B 115 -6.35 29.99 -15.85
C SER B 115 -6.21 29.74 -14.36
N ASP B 116 -6.74 28.60 -13.88
CA ASP B 116 -6.63 28.15 -12.49
C ASP B 116 -6.78 26.64 -12.52
N PHE B 117 -5.98 25.92 -11.72
CA PHE B 117 -6.01 24.46 -11.68
C PHE B 117 -7.43 23.92 -11.47
N HIS B 118 -8.29 24.65 -10.72
CA HIS B 118 -9.69 24.22 -10.47
C HIS B 118 -10.50 23.96 -11.74
N VAL B 119 -10.15 24.61 -12.86
CA VAL B 119 -10.81 24.40 -14.16
C VAL B 119 -10.84 22.89 -14.48
N PHE B 120 -9.71 22.19 -14.26
CA PHE B 120 -9.63 20.74 -14.54
C PHE B 120 -10.64 19.95 -13.70
N VAL B 121 -10.76 20.31 -12.42
CA VAL B 121 -11.66 19.64 -11.46
C VAL B 121 -13.14 19.91 -11.87
N ARG B 122 -13.45 21.17 -12.12
CA ARG B 122 -14.77 21.62 -12.58
C ARG B 122 -15.18 20.82 -13.83
N ASP B 123 -14.26 20.69 -14.79
CA ASP B 123 -14.56 19.97 -16.04
C ASP B 123 -14.77 18.48 -15.82
N VAL B 124 -14.01 17.86 -14.90
CA VAL B 124 -14.21 16.45 -14.59
C VAL B 124 -15.63 16.29 -14.01
N LEU B 125 -15.99 17.15 -13.04
CA LEU B 125 -17.31 17.09 -12.39
C LEU B 125 -18.43 17.29 -13.40
N GLN B 126 -18.23 18.18 -14.40
CA GLN B 126 -19.22 18.37 -15.44
C GLN B 126 -19.45 17.06 -16.19
N HIS B 127 -18.36 16.40 -16.61
CA HIS B 127 -18.43 15.14 -17.37
C HIS B 127 -19.03 14.01 -16.53
N VAL B 128 -18.59 13.90 -15.26
CA VAL B 128 -19.13 12.88 -14.35
C VAL B 128 -20.68 13.11 -14.18
N ASP B 129 -21.10 14.36 -13.89
CA ASP B 129 -22.51 14.70 -13.72
C ASP B 129 -23.34 14.34 -14.97
N SER B 130 -22.82 14.59 -16.20
CA SER B 130 -23.55 14.22 -17.44
C SER B 130 -23.71 12.72 -17.57
N MET B 131 -22.64 11.96 -17.27
CA MET B 131 -22.67 10.49 -17.35
C MET B 131 -23.61 9.88 -16.34
N GLN B 132 -23.63 10.43 -15.12
CA GLN B 132 -24.47 9.94 -14.05
C GLN B 132 -25.96 10.13 -14.33
N LYS B 133 -26.33 11.22 -15.01
CA LYS B 133 -27.70 11.52 -15.45
C LYS B 133 -28.17 10.40 -16.41
N ASP B 134 -27.28 9.92 -17.28
CA ASP B 134 -27.57 8.84 -18.24
C ASP B 134 -27.53 7.46 -17.63
N TYR B 135 -26.81 7.28 -16.52
CA TYR B 135 -26.67 5.98 -15.84
C TYR B 135 -26.93 6.16 -14.34
N PRO B 136 -28.20 6.45 -13.97
CA PRO B 136 -28.50 6.69 -12.55
C PRO B 136 -28.27 5.47 -11.67
N GLY B 137 -27.88 5.71 -10.42
CA GLY B 137 -27.63 4.67 -9.43
C GLY B 137 -26.33 3.90 -9.56
N LEU B 138 -25.57 4.08 -10.66
CA LEU B 138 -24.32 3.36 -10.81
C LEU B 138 -23.21 3.95 -9.95
N PRO B 139 -22.37 3.14 -9.26
CA PRO B 139 -21.23 3.73 -8.54
C PRO B 139 -20.24 4.33 -9.56
N VAL B 140 -19.52 5.38 -9.15
CA VAL B 140 -18.55 6.03 -10.06
C VAL B 140 -17.16 6.04 -9.42
N PHE B 141 -16.17 5.57 -10.19
CA PHE B 141 -14.77 5.53 -9.76
C PHE B 141 -13.97 6.60 -10.52
N LEU B 142 -12.78 6.92 -10.00
CA LEU B 142 -11.86 7.88 -10.64
C LEU B 142 -10.53 7.18 -10.77
N LEU B 143 -9.85 7.34 -11.91
CA LEU B 143 -8.52 6.77 -12.09
C LEU B 143 -7.67 7.92 -12.59
N GLY B 144 -6.56 8.19 -11.93
CA GLY B 144 -5.74 9.33 -12.30
C GLY B 144 -4.26 9.06 -12.22
N HIS B 145 -3.50 9.63 -13.19
CA HIS B 145 -2.04 9.51 -13.21
C HIS B 145 -1.40 10.89 -13.12
N SER B 146 -0.39 11.04 -12.24
CA SER B 146 0.39 12.27 -12.08
C SER B 146 -0.55 13.45 -11.77
N MET B 147 -0.60 14.49 -12.63
CA MET B 147 -1.51 15.62 -12.45
C MET B 147 -2.98 15.12 -12.44
N GLY B 148 -3.27 14.09 -13.21
CA GLY B 148 -4.60 13.48 -13.26
C GLY B 148 -5.03 12.91 -11.92
N GLY B 149 -4.04 12.48 -11.14
CA GLY B 149 -4.21 11.95 -9.79
C GLY B 149 -4.52 13.06 -8.80
N ALA B 150 -3.82 14.22 -8.93
CA ALA B 150 -4.14 15.39 -8.09
C ALA B 150 -5.57 15.85 -8.42
N ILE B 151 -5.96 15.85 -9.72
CA ILE B 151 -7.33 16.23 -10.14
C ILE B 151 -8.35 15.30 -9.49
N ALA B 152 -8.08 13.98 -9.52
CA ALA B 152 -8.97 12.95 -8.92
C ALA B 152 -9.14 13.20 -7.41
N ILE B 153 -8.03 13.50 -6.71
CA ILE B 153 -8.07 13.78 -5.26
C ILE B 153 -8.96 14.97 -4.98
N LEU B 154 -8.73 16.09 -5.70
CA LEU B 154 -9.51 17.31 -5.52
C LEU B 154 -10.96 17.16 -5.92
N THR B 155 -11.23 16.31 -6.95
CA THR B 155 -12.60 16.01 -7.40
C THR B 155 -13.33 15.27 -6.25
N ALA B 156 -12.74 14.20 -5.70
CA ALA B 156 -13.36 13.45 -4.59
C ALA B 156 -13.50 14.28 -3.32
N ALA B 157 -12.52 15.16 -3.02
CA ALA B 157 -12.58 16.04 -1.84
C ALA B 157 -13.71 17.06 -1.91
N GLU B 158 -14.05 17.52 -3.13
CA GLU B 158 -15.13 18.46 -3.36
C GLU B 158 -16.52 17.82 -3.16
N ARG B 159 -16.65 16.50 -3.40
CA ARG B 159 -17.91 15.76 -3.26
C ARG B 159 -17.72 14.57 -2.30
N PRO B 160 -17.58 14.79 -0.98
CA PRO B 160 -17.41 13.66 -0.05
C PRO B 160 -18.55 12.62 -0.09
N GLY B 161 -18.18 11.34 -0.05
CA GLY B 161 -19.10 10.23 -0.08
C GLY B 161 -19.75 9.95 -1.42
N HIS B 162 -19.39 10.71 -2.47
CA HIS B 162 -19.97 10.58 -3.80
C HIS B 162 -19.29 9.52 -4.65
N PHE B 163 -17.94 9.39 -4.56
CA PHE B 163 -17.20 8.43 -5.38
C PHE B 163 -16.99 7.13 -4.66
N ALA B 164 -17.16 6.02 -5.37
CA ALA B 164 -16.98 4.71 -4.78
C ALA B 164 -15.49 4.39 -4.52
N GLY B 165 -14.58 5.02 -5.26
CA GLY B 165 -13.17 4.71 -5.12
C GLY B 165 -12.30 5.45 -6.09
N MET B 166 -11.00 5.42 -5.83
CA MET B 166 -10.05 6.15 -6.66
C MET B 166 -8.81 5.30 -6.87
N VAL B 167 -8.33 5.21 -8.11
CA VAL B 167 -7.08 4.49 -8.38
C VAL B 167 -6.09 5.57 -8.76
N LEU B 168 -4.96 5.65 -8.04
CA LEU B 168 -3.95 6.67 -8.29
C LEU B 168 -2.68 6.05 -8.73
N ILE B 169 -2.16 6.47 -9.90
CA ILE B 169 -0.90 5.97 -10.43
C ILE B 169 0.08 7.11 -10.37
N SER B 170 1.11 7.01 -9.49
CA SER B 170 2.10 8.07 -9.24
C SER B 170 1.43 9.46 -9.23
N PRO B 171 0.49 9.72 -8.29
CA PRO B 171 -0.20 11.00 -8.30
C PRO B 171 0.73 12.13 -7.92
N LEU B 172 0.43 13.34 -8.42
CA LEU B 172 1.19 14.53 -8.09
C LEU B 172 0.67 15.02 -6.75
N VAL B 173 1.46 14.83 -5.69
CA VAL B 173 1.05 15.19 -4.34
C VAL B 173 2.13 16.02 -3.65
N LEU B 174 3.39 15.91 -4.10
CA LEU B 174 4.51 16.59 -3.46
C LEU B 174 5.31 17.48 -4.42
N ALA B 175 5.59 18.73 -4.01
CA ALA B 175 6.36 19.69 -4.82
C ALA B 175 7.85 19.36 -4.88
N LYS B 184 10.19 30.65 -5.16
CA LYS B 184 10.06 32.01 -5.71
C LYS B 184 10.07 32.05 -7.26
N VAL B 185 9.08 31.36 -7.84
CA VAL B 185 8.80 31.34 -9.29
C VAL B 185 7.72 32.40 -9.55
N LEU B 186 7.27 33.05 -8.45
CA LEU B 186 6.29 34.15 -8.41
C LEU B 186 6.92 35.39 -9.05
N ALA B 187 8.25 35.55 -8.91
CA ALA B 187 9.01 36.63 -9.55
C ALA B 187 8.90 36.36 -11.05
N ALA B 188 9.21 35.11 -11.46
CA ALA B 188 9.05 34.65 -12.83
C ALA B 188 7.59 34.73 -13.34
N LYS B 189 6.56 34.65 -12.45
CA LYS B 189 5.13 34.78 -12.79
C LYS B 189 4.83 36.20 -13.27
N VAL B 190 5.41 37.21 -12.59
CA VAL B 190 5.28 38.62 -12.99
C VAL B 190 6.28 38.89 -14.13
N LEU B 191 7.31 38.03 -14.26
CA LEU B 191 8.27 38.06 -15.37
C LEU B 191 7.74 37.22 -16.57
N ASN B 192 6.55 36.60 -16.40
CA ASN B 192 5.82 35.81 -17.39
C ASN B 192 4.73 36.72 -17.97
N LEU B 193 4.84 38.03 -17.63
CA LEU B 193 4.01 39.13 -18.14
C LEU B 193 4.88 39.82 -19.20
N VAL B 194 6.22 39.74 -19.02
CA VAL B 194 7.23 40.28 -19.94
C VAL B 194 7.82 39.12 -20.81
N LEU B 195 7.90 37.89 -20.24
CA LEU B 195 8.34 36.67 -20.93
C LEU B 195 7.28 35.55 -20.72
N PRO B 196 6.11 35.58 -21.43
CA PRO B 196 5.06 34.56 -21.17
C PRO B 196 5.43 33.10 -21.45
N ASN B 197 6.27 32.85 -22.46
CA ASN B 197 6.69 31.51 -22.88
C ASN B 197 7.79 30.88 -22.01
N LEU B 198 8.16 31.54 -20.89
CA LEU B 198 9.23 31.08 -20.00
C LEU B 198 8.91 29.68 -19.47
N SER B 199 9.80 28.76 -19.75
CA SER B 199 9.67 27.36 -19.41
C SER B 199 10.81 26.86 -18.60
N LEU B 200 10.64 25.69 -18.00
CA LEU B 200 11.68 24.92 -17.34
C LEU B 200 12.06 23.94 -18.45
N GLY B 201 13.27 23.41 -18.41
CA GLY B 201 13.76 22.53 -19.46
C GLY B 201 12.90 21.32 -19.75
N PRO B 202 12.81 20.85 -21.02
CA PRO B 202 12.06 19.61 -21.26
C PRO B 202 12.72 18.46 -20.53
N ILE B 203 11.90 17.55 -20.00
CA ILE B 203 12.42 16.42 -19.25
C ILE B 203 12.98 15.38 -20.18
N ASP B 204 13.91 14.59 -19.66
CA ASP B 204 14.57 13.52 -20.39
C ASP B 204 13.61 12.33 -20.39
N SER B 205 12.97 12.07 -21.53
CA SER B 205 11.99 11.00 -21.72
C SER B 205 12.37 9.65 -21.09
N SER B 206 13.70 9.36 -20.95
CA SER B 206 14.22 8.12 -20.35
C SER B 206 13.80 7.95 -18.87
N VAL B 207 13.51 9.06 -18.18
CA VAL B 207 13.05 9.19 -16.79
C VAL B 207 11.58 8.67 -16.60
N LEU B 208 10.79 8.65 -17.68
CA LEU B 208 9.38 8.25 -17.62
C LEU B 208 9.17 6.76 -17.40
N SER B 209 9.99 5.92 -18.02
CA SER B 209 9.82 4.48 -17.95
C SER B 209 11.13 3.78 -18.28
N ARG B 210 11.38 2.61 -17.67
CA ARG B 210 12.57 1.81 -18.01
C ARG B 210 12.31 1.08 -19.32
N ASN B 211 11.04 1.04 -19.78
CA ASN B 211 10.66 0.36 -21.01
C ASN B 211 10.98 1.31 -22.19
N LYS B 212 12.11 1.04 -22.92
CA LYS B 212 12.59 1.84 -24.05
C LYS B 212 11.58 1.99 -25.17
N THR B 213 10.81 0.94 -25.46
CA THR B 213 9.77 0.98 -26.49
C THR B 213 8.71 2.02 -26.10
N GLU B 214 8.31 2.06 -24.80
CA GLU B 214 7.32 3.02 -24.33
C GLU B 214 7.85 4.44 -24.35
N VAL B 215 9.16 4.61 -24.09
CA VAL B 215 9.81 5.93 -24.17
C VAL B 215 9.76 6.40 -25.66
N ASP B 216 9.99 5.49 -26.62
CA ASP B 216 9.94 5.81 -28.05
C ASP B 216 8.53 6.13 -28.52
N ILE B 217 7.52 5.40 -28.00
CA ILE B 217 6.10 5.66 -28.30
C ILE B 217 5.73 7.07 -27.79
N TYR B 218 6.16 7.40 -26.55
CA TYR B 218 5.92 8.72 -25.96
C TYR B 218 6.48 9.83 -26.84
N ASN B 219 7.75 9.65 -27.27
CA ASN B 219 8.46 10.64 -28.10
C ASN B 219 7.91 10.82 -29.51
N SER B 220 7.10 9.91 -30.02
CA SER B 220 6.59 10.07 -31.37
C SER B 220 5.07 10.26 -31.45
N ASP B 221 4.39 10.42 -30.28
CA ASP B 221 2.93 10.66 -30.27
C ASP B 221 2.72 12.14 -30.54
N PRO B 222 2.05 12.51 -31.68
CA PRO B 222 1.87 13.94 -31.98
C PRO B 222 0.93 14.69 -31.03
N LEU B 223 0.11 13.95 -30.25
CA LEU B 223 -0.84 14.53 -29.30
C LEU B 223 -0.24 14.82 -27.94
N ILE B 224 1.00 14.36 -27.70
CA ILE B 224 1.68 14.64 -26.44
C ILE B 224 2.41 15.96 -26.58
N CYS B 225 2.39 16.80 -25.55
CA CYS B 225 3.17 18.02 -25.58
C CYS B 225 4.45 17.71 -24.80
N ARG B 226 5.60 17.70 -25.49
CA ARG B 226 6.91 17.38 -24.91
C ARG B 226 7.72 18.62 -24.56
N ALA B 227 7.20 19.83 -24.89
CA ALA B 227 7.80 21.13 -24.55
C ALA B 227 7.97 21.19 -23.02
N GLY B 228 8.95 21.95 -22.55
CA GLY B 228 9.14 22.09 -21.11
C GLY B 228 7.94 22.73 -20.43
N LEU B 229 7.79 22.50 -19.13
CA LEU B 229 6.73 23.07 -18.30
C LEU B 229 6.81 24.61 -18.22
N LYS B 230 5.77 25.31 -18.70
CA LYS B 230 5.68 26.76 -18.65
C LYS B 230 5.56 27.23 -17.20
N VAL B 231 6.23 28.34 -16.86
CA VAL B 231 6.23 28.91 -15.51
C VAL B 231 4.79 29.14 -14.99
N CYS B 232 3.88 29.74 -15.81
CA CYS B 232 2.50 29.97 -15.36
C CYS B 232 1.79 28.62 -15.01
N PHE B 233 2.11 27.56 -15.75
CA PHE B 233 1.55 26.22 -15.50
C PHE B 233 2.20 25.56 -14.28
N GLY B 234 3.51 25.76 -14.09
CA GLY B 234 4.23 25.27 -12.92
C GLY B 234 3.62 25.85 -11.65
N ILE B 235 3.24 27.14 -11.68
CA ILE B 235 2.56 27.79 -10.56
C ILE B 235 1.20 27.09 -10.31
N GLN B 236 0.49 26.72 -11.39
CA GLN B 236 -0.79 26.01 -11.23
C GLN B 236 -0.59 24.60 -10.62
N LEU B 237 0.55 23.94 -10.94
CA LEU B 237 0.87 22.62 -10.35
C LEU B 237 1.24 22.75 -8.87
N LEU B 238 1.87 23.88 -8.51
CA LEU B 238 2.17 24.19 -7.10
C LEU B 238 0.86 24.48 -6.38
N ASN B 239 -0.11 25.15 -7.03
CA ASN B 239 -1.44 25.35 -6.45
C ASN B 239 -2.11 24.00 -6.23
N ALA B 240 -1.97 23.06 -7.21
CA ALA B 240 -2.57 21.73 -7.06
C ALA B 240 -2.03 21.03 -5.83
N VAL B 241 -0.68 20.99 -5.67
CA VAL B 241 -0.02 20.33 -4.52
C VAL B 241 -0.45 20.91 -3.16
N SER B 242 -0.56 22.24 -3.08
CA SER B 242 -0.99 22.96 -1.87
C SER B 242 -2.44 22.64 -1.56
N ARG B 243 -3.30 22.57 -2.61
CA ARG B 243 -4.71 22.23 -2.42
C ARG B 243 -4.90 20.77 -2.05
N VAL B 244 -4.04 19.88 -2.58
CA VAL B 244 -4.10 18.45 -2.25
C VAL B 244 -3.78 18.30 -0.74
N GLU B 245 -2.70 18.95 -0.26
CA GLU B 245 -2.31 18.91 1.15
C GLU B 245 -3.46 19.36 2.08
N ARG B 246 -4.18 20.42 1.72
CA ARG B 246 -5.30 20.91 2.51
C ARG B 246 -6.52 20.00 2.42
N ALA B 247 -6.70 19.27 1.31
CA ALA B 247 -7.84 18.37 1.12
C ALA B 247 -7.71 17.03 1.86
N LEU B 248 -6.48 16.54 2.07
CA LEU B 248 -6.24 15.23 2.70
C LEU B 248 -6.97 15.02 4.04
N PRO B 249 -7.02 15.96 5.02
CA PRO B 249 -7.79 15.69 6.25
C PRO B 249 -9.28 15.42 6.06
N LYS B 250 -9.85 15.78 4.92
CA LYS B 250 -11.26 15.53 4.67
C LYS B 250 -11.48 14.47 3.57
N LEU B 251 -10.41 13.90 3.03
CA LEU B 251 -10.53 12.89 1.97
C LEU B 251 -10.86 11.56 2.62
N THR B 252 -12.03 11.00 2.30
CA THR B 252 -12.50 9.74 2.90
C THR B 252 -12.74 8.63 1.86
N VAL B 253 -12.60 8.96 0.58
CA VAL B 253 -12.86 8.05 -0.51
C VAL B 253 -11.91 6.82 -0.46
N PRO B 254 -12.38 5.59 -0.74
CA PRO B 254 -11.46 4.45 -0.77
C PRO B 254 -10.42 4.65 -1.87
N PHE B 255 -9.14 4.23 -1.65
CA PHE B 255 -8.22 4.40 -2.77
C PHE B 255 -7.14 3.36 -2.82
N LEU B 256 -6.64 3.15 -4.03
CA LEU B 256 -5.51 2.29 -4.32
C LEU B 256 -4.44 3.23 -4.88
N LEU B 257 -3.24 3.18 -4.32
CA LEU B 257 -2.13 4.05 -4.69
C LEU B 257 -0.95 3.19 -5.20
N LEU B 258 -0.54 3.41 -6.45
CA LEU B 258 0.54 2.67 -7.11
C LEU B 258 1.67 3.63 -7.36
N GLN B 259 2.88 3.28 -6.89
CA GLN B 259 4.02 4.21 -6.94
C GLN B 259 5.35 3.49 -7.19
N GLY B 260 6.19 4.06 -8.07
CA GLY B 260 7.50 3.51 -8.36
C GLY B 260 8.51 4.11 -7.41
N SER B 261 9.46 3.31 -6.91
CA SER B 261 10.44 3.83 -5.95
C SER B 261 11.46 4.76 -6.60
N ALA B 262 11.72 4.59 -7.92
CA ALA B 262 12.70 5.40 -8.65
C ALA B 262 12.06 6.50 -9.54
N ASP B 263 10.88 7.00 -9.14
CA ASP B 263 10.15 8.05 -9.86
C ASP B 263 10.80 9.40 -9.58
N ARG B 264 11.32 10.04 -10.63
CA ARG B 264 11.99 11.34 -10.53
C ARG B 264 11.04 12.53 -10.67
N LEU B 265 9.78 12.28 -11.02
CA LEU B 265 8.80 13.35 -11.21
C LEU B 265 7.89 13.50 -10.03
N CYS B 266 7.43 12.38 -9.46
CA CYS B 266 6.60 12.38 -8.26
C CYS B 266 7.38 11.52 -7.28
N ASP B 267 8.13 12.14 -6.37
CA ASP B 267 8.94 11.40 -5.39
C ASP B 267 8.09 10.44 -4.54
N SER B 268 8.56 9.19 -4.36
CA SER B 268 7.86 8.18 -3.58
C SER B 268 7.47 8.67 -2.20
N LYS B 269 8.20 9.66 -1.64
CA LYS B 269 7.92 10.27 -0.33
C LYS B 269 6.47 10.76 -0.28
N GLY B 270 6.00 11.37 -1.38
CA GLY B 270 4.63 11.87 -1.47
C GLY B 270 3.56 10.79 -1.36
N ALA B 271 3.86 9.56 -1.84
CA ALA B 271 2.91 8.45 -1.74
C ALA B 271 2.76 8.03 -0.26
N TYR B 272 3.87 7.98 0.49
CA TYR B 272 3.84 7.66 1.93
C TYR B 272 3.06 8.74 2.71
N LEU B 273 3.21 10.01 2.34
CA LEU B 273 2.51 11.13 2.99
C LEU B 273 1.00 11.10 2.71
N LEU B 274 0.60 10.68 1.50
CA LEU B 274 -0.80 10.52 1.15
C LEU B 274 -1.41 9.39 2.01
N MET B 275 -0.71 8.24 2.14
CA MET B 275 -1.17 7.13 2.98
C MET B 275 -1.36 7.57 4.43
N GLU B 276 -0.44 8.39 4.92
CA GLU B 276 -0.49 8.85 6.29
C GLU B 276 -1.55 9.90 6.56
N LEU B 277 -1.66 10.92 5.69
CA LEU B 277 -2.56 12.03 5.98
C LEU B 277 -4.01 11.86 5.51
N ALA B 278 -4.30 11.01 4.46
CA ALA B 278 -5.71 10.83 4.03
C ALA B 278 -6.50 10.19 5.16
N LYS B 279 -7.77 10.57 5.31
CA LYS B 279 -8.59 9.98 6.37
C LYS B 279 -9.35 8.75 5.92
N SER B 280 -9.22 8.36 4.64
CA SER B 280 -9.89 7.17 4.08
C SER B 280 -9.70 5.94 4.95
N GLN B 281 -10.77 5.18 5.21
CA GLN B 281 -10.73 3.94 5.98
C GLN B 281 -10.23 2.80 5.09
N ASP B 282 -10.30 2.96 3.76
CA ASP B 282 -9.88 1.92 2.82
C ASP B 282 -8.77 2.47 1.93
N LYS B 283 -7.52 2.23 2.34
CA LYS B 283 -6.37 2.73 1.59
C LYS B 283 -5.28 1.69 1.49
N THR B 284 -4.78 1.50 0.26
CA THR B 284 -3.79 0.47 -0.07
C THR B 284 -2.67 1.10 -0.87
N LEU B 285 -1.42 0.76 -0.55
CA LEU B 285 -0.28 1.27 -1.30
C LEU B 285 0.53 0.10 -1.84
N LYS B 286 0.93 0.19 -3.11
CA LYS B 286 1.81 -0.79 -3.68
C LYS B 286 3.03 -0.04 -4.21
N ILE B 287 4.23 -0.44 -3.78
CA ILE B 287 5.50 0.19 -4.23
C ILE B 287 6.15 -0.74 -5.23
N TYR B 288 6.56 -0.19 -6.39
CA TYR B 288 7.24 -0.97 -7.42
C TYR B 288 8.71 -0.60 -7.35
N GLU B 289 9.51 -1.53 -6.84
CA GLU B 289 10.93 -1.32 -6.59
C GLU B 289 11.75 -1.09 -7.88
N GLY B 290 12.38 0.07 -7.98
CA GLY B 290 13.19 0.49 -9.13
C GLY B 290 12.40 1.03 -10.31
N ALA B 291 11.05 1.00 -10.23
CA ALA B 291 10.19 1.48 -11.32
C ALA B 291 10.18 2.99 -11.43
N TYR B 292 10.01 3.50 -12.66
CA TYR B 292 9.97 4.93 -12.92
C TYR B 292 8.54 5.50 -12.78
N HIS B 293 8.20 6.56 -13.50
CA HIS B 293 6.97 7.31 -13.34
C HIS B 293 5.72 6.70 -13.97
N VAL B 294 5.82 6.28 -15.23
CA VAL B 294 4.66 5.79 -15.97
C VAL B 294 4.51 4.28 -15.77
N LEU B 295 3.96 3.91 -14.60
CA LEU B 295 3.82 2.51 -14.17
C LEU B 295 2.99 1.63 -15.08
N HIS B 296 1.98 2.21 -15.71
CA HIS B 296 1.09 1.49 -16.62
C HIS B 296 1.76 1.32 -18.00
N LYS B 297 3.00 1.83 -18.19
CA LYS B 297 3.79 1.72 -19.44
C LYS B 297 5.26 1.44 -19.07
N GLU B 298 5.47 0.64 -18.02
CA GLU B 298 6.79 0.32 -17.50
C GLU B 298 7.24 -1.01 -18.05
N LEU B 299 8.22 -1.67 -17.40
CA LEU B 299 8.65 -2.99 -17.83
C LEU B 299 7.46 -3.96 -17.72
N PRO B 300 7.34 -4.96 -18.64
CA PRO B 300 6.18 -5.88 -18.61
C PRO B 300 5.83 -6.47 -17.24
N GLU B 301 6.84 -6.85 -16.43
CA GLU B 301 6.63 -7.38 -15.08
C GLU B 301 5.89 -6.37 -14.22
N VAL B 302 6.22 -5.06 -14.36
CA VAL B 302 5.55 -4.00 -13.58
C VAL B 302 4.14 -3.74 -14.15
N THR B 303 4.03 -3.51 -15.46
CA THR B 303 2.77 -3.23 -16.15
C THR B 303 1.75 -4.34 -15.92
N ASN B 304 2.14 -5.62 -16.01
CA ASN B 304 1.21 -6.74 -15.78
C ASN B 304 0.65 -6.74 -14.37
N SER B 305 1.50 -6.44 -13.38
CA SER B 305 1.09 -6.36 -11.97
C SER B 305 0.14 -5.17 -11.79
N VAL B 306 0.48 -4.00 -12.38
CA VAL B 306 -0.36 -2.79 -12.29
C VAL B 306 -1.79 -3.08 -12.77
N PHE B 307 -1.91 -3.67 -13.96
CA PHE B 307 -3.20 -4.01 -14.55
C PHE B 307 -3.96 -4.99 -13.68
N HIS B 308 -3.25 -6.01 -13.16
CA HIS B 308 -3.87 -7.03 -12.31
C HIS B 308 -4.38 -6.45 -11.00
N GLU B 309 -3.56 -5.62 -10.35
CA GLU B 309 -3.92 -4.98 -9.08
C GLU B 309 -5.13 -4.06 -9.23
N ILE B 310 -5.19 -3.29 -10.33
CA ILE B 310 -6.33 -2.40 -10.57
C ILE B 310 -7.58 -3.26 -10.81
N ASN B 311 -7.42 -4.30 -11.63
CA ASN B 311 -8.49 -5.26 -11.94
C ASN B 311 -9.07 -5.81 -10.64
N MET B 312 -8.24 -6.40 -9.78
CA MET B 312 -8.71 -6.97 -8.52
C MET B 312 -9.36 -5.94 -7.60
N TRP B 313 -8.74 -4.75 -7.48
CA TRP B 313 -9.24 -3.71 -6.55
C TRP B 313 -10.61 -3.18 -6.97
N VAL B 314 -10.77 -2.85 -8.27
CA VAL B 314 -12.03 -2.31 -8.75
C VAL B 314 -13.13 -3.40 -8.72
N SER B 315 -12.78 -4.63 -9.15
CA SER B 315 -13.66 -5.80 -9.19
C SER B 315 -14.27 -6.10 -7.81
N GLN B 316 -13.43 -6.05 -6.74
CA GLN B 316 -13.85 -6.27 -5.36
C GLN B 316 -14.81 -5.19 -4.87
N ARG B 317 -14.70 -3.96 -5.40
CA ARG B 317 -15.53 -2.84 -4.97
C ARG B 317 -16.71 -2.59 -5.90
N THR B 318 -16.83 -3.38 -6.97
CA THR B 318 -17.90 -3.32 -7.97
C THR B 318 -18.94 -4.39 -7.66
N ALA B 319 -18.49 -5.54 -7.12
CA ALA B 319 -19.34 -6.65 -6.66
C ALA B 319 -20.25 -6.11 -5.54
N THR B 320 -19.66 -5.33 -4.58
CA THR B 320 -20.26 -4.65 -3.42
C THR B 320 -21.63 -5.23 -2.98
N3 E3A C . 5.88 -5.90 20.54
C4 E3A C . 7.32 0.88 28.08
N2 E3A C . 6.53 -2.44 24.66
C7 E3A C . 6.90 -0.34 23.91
C6 E3A C . 6.98 -0.79 26.38
C9 E3A C . 6.42 -2.44 23.34
C13 E3A C . 6.73 -6.04 21.72
C8 E3A C . 6.66 -1.12 22.83
C1 E3A C . 6.85 -1.76 27.38
C2 E3A C . 6.95 -1.41 28.71
C3 E3A C . 7.18 -0.10 29.02
C5 E3A C . 7.22 0.53 26.74
N1 E3A C . 6.82 -1.15 25.01
C10 E3A C . 6.05 -3.69 22.57
C11 E3A C . 6.45 -3.68 21.10
C12 E3A C . 7.14 -4.61 22.06
C14 E3A C . 5.58 -4.52 20.17
C15 E3A C . 5.39 -6.95 19.84
O1 E3A C . 5.27 -8.08 20.24
F1 E3A C . 7.25 0.26 30.34
N3 E3A D . 3.62 15.35 -14.02
N3 E3A D . 3.33 15.60 -13.34
C4 E3A D . 6.29 21.65 -8.25
C4 E3A D . 12.39 20.51 -13.52
N2 E3A D . 6.39 19.02 -12.26
N2 E3A D . 8.27 18.01 -13.99
C7 E3A D . 4.48 18.90 -11.07
C7 E3A D . 9.36 17.76 -12.03
C6 E3A D . 6.22 20.55 -10.39
C6 E3A D . 10.36 19.24 -13.79
C9 E3A D . 5.67 18.01 -12.74
C9 E3A D . 7.52 17.25 -13.20
C13 E3A D . 4.78 15.02 -13.20
C13 E3A D . 3.58 16.95 -13.82
C8 E3A D . 4.43 17.90 -12.00
C8 E3A D . 8.19 17.07 -11.93
C1 E3A D . 7.46 21.11 -10.72
C1 E3A D . 10.22 19.73 -15.09
C2 E3A D . 8.11 21.93 -9.81
C2 E3A D . 11.18 20.59 -15.61
C3 E3A D . 7.51 22.16 -8.59
C3 E3A D . 12.24 20.95 -14.81
C5 E3A D . 5.63 20.84 -9.17
C5 E3A D . 11.44 19.65 -13.01
N1 E3A D . 5.65 19.54 -11.23
N1 E3A D . 9.39 18.33 -13.26
C10 E3A D . 6.20 17.13 -13.86
C10 E3A D . 6.17 16.69 -13.57
C11 E3A D . 5.38 16.56 -15.00
C11 E3A D . 5.39 16.19 -12.37
C12 E3A D . 5.95 15.63 -13.97
C12 E3A D . 4.88 17.37 -13.13
C14 E3A D . 3.86 16.53 -14.85
C14 E3A D . 4.45 15.02 -12.60
C15 E3A D . 2.45 14.67 -14.01
C15 E3A D . 2.19 14.91 -13.58
O1 E3A D . 1.50 14.91 -14.72
O1 E3A D . 1.47 15.07 -14.54
F1 E3A D . 8.19 22.89 -7.67
F1 E3A D . 13.22 21.72 -15.35
#